data_6PL2
#
_entry.id   6PL2
#
_cell.length_a   52.080
_cell.length_b   52.080
_cell.length_c   226.964
_cell.angle_alpha   90.00
_cell.angle_beta   90.00
_cell.angle_gamma   120.00
#
_symmetry.space_group_name_H-M   'P 31 1 2'
#
loop_
_entity.id
_entity.type
_entity.pdbx_description
1 polymer 'High affinity nerve growth factor receptor'
2 non-polymer N-(3-tert-butyl-1-phenyl-1H-pyrazol-5-yl)-2-{[1-(4-hydroxyphenyl)-1H-tetrazol-5-yl]sulfanyl}acetamide
3 water water
#
_entity_poly.entity_id   1
_entity_poly.type   'polypeptide(L)'
_entity_poly.pdbx_seq_one_letter_code
;GLQGHIIENPQYFSDACVHHIKRRDIVLKWELGEGAFGKVFLAECHNLLPEQDKMLVAVKALKEASESARQDFQREAELL
TMLQHQHIVRFFGVCTEGRPLLMVFEYMRHGDLNRFLRSHGPDAKLLAGGEDVAPGPLGLGQLLAVASQVAAGMVYLAGL
HFVHRDLATRNCLVGQGLVVKIGDFGMSRDIY(SEP)TDYYRVGGRTMLPIRWMPPESILYRKFTTESDVWSFGVVLWEI
FTYGKQPWYQLSNTEAIDCITQGRELERPRACPPEVYAIMRGCWQREPQQRHSIKDVHARLQALAQAPPVYLDVL
;
_entity_poly.pdbx_strand_id   A
#
loop_
_chem_comp.id
_chem_comp.type
_chem_comp.name
_chem_comp.formula
OOM non-polymer N-(3-tert-butyl-1-phenyl-1H-pyrazol-5-yl)-2-{[1-(4-hydroxyphenyl)-1H-tetrazol-5-yl]sulfanyl}acetamide 'C22 H23 N7 O2 S'
#
# COMPACT_ATOMS: atom_id res chain seq x y z
N ASP A 15 -21.77 1.09 -12.95
CA ASP A 15 -22.37 -0.28 -13.09
C ASP A 15 -22.22 -0.81 -14.52
N ALA A 16 -22.37 0.07 -15.50
CA ALA A 16 -22.08 -0.25 -16.91
C ALA A 16 -20.58 -0.22 -17.19
N CYS A 17 -19.89 0.77 -16.63
CA CYS A 17 -18.43 0.91 -16.78
C CYS A 17 -17.62 -0.30 -16.22
N VAL A 18 -18.15 -0.93 -15.17
CA VAL A 18 -17.52 -2.07 -14.50
C VAL A 18 -17.57 -3.33 -15.38
N HIS A 19 -16.41 -3.93 -15.66
CA HIS A 19 -16.32 -5.16 -16.48
C HIS A 19 -16.85 -6.36 -15.75
N HIS A 20 -17.37 -7.35 -16.49
CA HIS A 20 -18.01 -8.51 -15.89
C HIS A 20 -17.36 -9.80 -16.31
N ILE A 21 -17.24 -10.72 -15.34
CA ILE A 21 -16.60 -12.02 -15.54
C ILE A 21 -17.61 -13.13 -15.21
N LYS A 22 -17.76 -14.06 -16.14
CA LYS A 22 -18.68 -15.18 -15.95
C LYS A 22 -18.12 -16.08 -14.86
N ARG A 23 -18.99 -16.56 -13.98
CA ARG A 23 -18.57 -17.41 -12.89
C ARG A 23 -17.83 -18.67 -13.36
N ARG A 24 -18.23 -19.23 -14.51
CA ARG A 24 -17.63 -20.47 -15.01
C ARG A 24 -16.15 -20.31 -15.38
N ASP A 25 -15.78 -19.10 -15.77
CA ASP A 25 -14.38 -18.77 -16.06
C ASP A 25 -13.48 -18.66 -14.81
N ILE A 26 -14.07 -18.69 -13.61
CA ILE A 26 -13.35 -18.53 -12.35
C ILE A 26 -13.34 -19.86 -11.60
N VAL A 27 -12.14 -20.35 -11.29
CA VAL A 27 -11.96 -21.59 -10.52
C VAL A 27 -11.16 -21.31 -9.27
N LEU A 28 -11.84 -21.36 -8.11
CA LEU A 28 -11.20 -21.11 -6.82
C LEU A 28 -10.25 -22.26 -6.48
N LYS A 29 -9.06 -21.93 -5.98
CA LYS A 29 -8.03 -22.91 -5.65
C LYS A 29 -7.90 -23.06 -4.14
N TRP A 30 -7.63 -21.95 -3.47
CA TRP A 30 -7.61 -21.89 -2.02
C TRP A 30 -7.75 -20.49 -1.53
N GLU A 31 -8.01 -20.37 -0.23
CA GLU A 31 -8.09 -19.07 0.43
C GLU A 31 -6.70 -18.47 0.60
N LEU A 32 -6.57 -17.16 0.33
CA LEU A 32 -5.35 -16.40 0.62
C LEU A 32 -5.43 -15.67 1.95
N GLY A 33 -6.57 -15.03 2.19
CA GLY A 33 -6.79 -14.28 3.41
C GLY A 33 -8.27 -14.13 3.74
N GLU A 34 -8.55 -13.32 4.74
CA GLU A 34 -9.91 -13.13 5.22
C GLU A 34 -10.06 -11.78 5.92
N GLY A 35 -11.20 -11.13 5.70
CA GLY A 35 -11.57 -9.90 6.40
C GLY A 35 -12.96 -9.99 7.01
N ALA A 36 -13.42 -8.86 7.54
CA ALA A 36 -14.81 -8.72 7.98
C ALA A 36 -15.75 -8.46 6.80
N PHE A 37 -15.20 -7.98 5.68
CA PHE A 37 -15.99 -7.64 4.50
C PHE A 37 -15.92 -8.69 3.38
N GLY A 38 -14.92 -9.56 3.40
CA GLY A 38 -14.84 -10.65 2.44
C GLY A 38 -13.73 -11.66 2.65
N LYS A 39 -13.88 -12.82 2.00
CA LYS A 39 -12.83 -13.83 1.90
C LYS A 39 -12.11 -13.64 0.58
N VAL A 40 -10.78 -13.59 0.61
CA VAL A 40 -9.96 -13.50 -0.62
C VAL A 40 -9.38 -14.87 -0.94
N PHE A 41 -9.52 -15.28 -2.20
CA PHE A 41 -9.10 -16.60 -2.69
C PHE A 41 -8.11 -16.42 -3.82
N LEU A 42 -7.23 -17.41 -4.00
CA LEU A 42 -6.46 -17.51 -5.22
C LEU A 42 -7.27 -18.40 -6.14
N ALA A 43 -7.38 -17.99 -7.40
CA ALA A 43 -8.22 -18.67 -8.38
C ALA A 43 -7.55 -18.67 -9.74
N GLU A 44 -8.03 -19.54 -10.62
CA GLU A 44 -7.69 -19.53 -12.03
C GLU A 44 -8.81 -18.74 -12.70
N CYS A 45 -8.45 -17.85 -13.63
CA CYS A 45 -9.44 -17.16 -14.45
C CYS A 45 -9.18 -17.46 -15.92
N HIS A 46 -10.21 -17.91 -16.62
CA HIS A 46 -10.10 -18.31 -18.04
C HIS A 46 -10.65 -17.27 -18.97
N ASN A 47 -9.99 -17.11 -20.13
CA ASN A 47 -10.40 -16.18 -21.18
C ASN A 47 -10.47 -14.71 -20.72
N LEU A 48 -9.60 -14.33 -19.81
CA LEU A 48 -9.51 -12.95 -19.37
C LEU A 48 -8.60 -12.13 -20.28
N LEU A 49 -7.56 -12.75 -20.85
CA LEU A 49 -6.56 -12.04 -21.68
C LEU A 49 -6.15 -12.79 -22.95
N PRO A 50 -5.58 -12.07 -23.96
CA PRO A 50 -5.22 -12.75 -25.22
C PRO A 50 -3.97 -13.62 -25.10
N GLU A 51 -2.85 -13.01 -24.68
CA GLU A 51 -1.56 -13.71 -24.58
C GLU A 51 -1.61 -14.86 -23.58
N GLN A 52 -2.25 -14.62 -22.43
CA GLN A 52 -2.43 -15.64 -21.39
C GLN A 52 -3.78 -16.35 -21.53
N ASP A 53 -3.73 -17.64 -21.89
CA ASP A 53 -4.92 -18.48 -22.03
C ASP A 53 -5.53 -18.82 -20.64
N LYS A 54 -4.65 -18.91 -19.64
CA LYS A 54 -5.04 -19.14 -18.25
C LYS A 54 -4.07 -18.37 -17.35
N MET A 55 -4.60 -17.70 -16.32
CA MET A 55 -3.79 -16.95 -15.36
C MET A 55 -4.31 -17.02 -13.92
N LEU A 56 -3.49 -16.53 -12.99
CA LEU A 56 -3.83 -16.52 -11.57
C LEU A 56 -4.35 -15.13 -11.17
N VAL A 57 -5.35 -15.16 -10.30
CA VAL A 57 -6.03 -13.94 -9.83
C VAL A 57 -6.40 -14.07 -8.36
N ALA A 58 -6.56 -12.94 -7.71
CA ALA A 58 -7.11 -12.87 -6.37
C ALA A 58 -8.59 -12.61 -6.54
N VAL A 59 -9.42 -13.35 -5.82
CA VAL A 59 -10.88 -13.23 -5.95
C VAL A 59 -11.51 -12.95 -4.59
N LYS A 60 -12.03 -11.73 -4.42
CA LYS A 60 -12.68 -11.33 -3.17
C LYS A 60 -14.15 -11.72 -3.28
N ALA A 61 -14.58 -12.65 -2.43
CA ALA A 61 -15.98 -13.05 -2.34
C ALA A 61 -16.64 -12.21 -1.25
N LEU A 62 -17.73 -11.53 -1.61
CA LEU A 62 -18.40 -10.63 -0.67
C LEU A 62 -19.10 -11.38 0.45
N LYS A 63 -18.85 -10.97 1.69
CA LYS A 63 -19.63 -11.42 2.83
C LYS A 63 -20.88 -10.54 2.90
N GLU A 64 -21.99 -11.04 2.36
CA GLU A 64 -23.26 -10.31 2.32
C GLU A 64 -24.00 -10.49 3.64
N ALA A 65 -23.49 -9.84 4.70
CA ALA A 65 -24.11 -9.85 6.03
C ALA A 65 -24.91 -8.57 6.22
N SER A 66 -24.22 -7.43 6.15
CA SER A 66 -24.86 -6.11 6.29
C SER A 66 -25.52 -5.66 4.97
N GLU A 67 -26.42 -4.69 5.08
CA GLU A 67 -27.15 -4.15 3.91
C GLU A 67 -26.26 -3.27 3.02
N SER A 68 -25.33 -2.54 3.62
CA SER A 68 -24.49 -1.57 2.91
C SER A 68 -23.27 -2.18 2.19
N ALA A 69 -22.85 -3.39 2.57
CA ALA A 69 -21.70 -4.07 1.95
C ALA A 69 -21.82 -4.22 0.41
N ARG A 70 -23.05 -4.36 -0.09
CA ARG A 70 -23.33 -4.40 -1.54
C ARG A 70 -23.00 -3.06 -2.23
N GLN A 71 -23.25 -1.94 -1.55
CA GLN A 71 -22.91 -0.60 -2.08
C GLN A 71 -21.39 -0.34 -2.04
N ASP A 72 -20.74 -0.82 -0.97
CA ASP A 72 -19.27 -0.69 -0.82
C ASP A 72 -18.52 -1.46 -1.92
N PHE A 73 -18.97 -2.70 -2.14
CA PHE A 73 -18.61 -3.53 -3.29
C PHE A 73 -18.74 -2.74 -4.60
N GLN A 74 -19.90 -2.11 -4.80
CA GLN A 74 -20.18 -1.32 -6.02
C GLN A 74 -19.25 -0.12 -6.15
N ARG A 75 -19.07 0.66 -5.08
CA ARG A 75 -18.18 1.83 -5.16
C ARG A 75 -16.73 1.40 -5.33
N GLU A 76 -16.33 0.34 -4.64
CA GLU A 76 -14.97 -0.21 -4.81
C GLU A 76 -14.73 -0.60 -6.26
N ALA A 77 -15.63 -1.40 -6.82
CA ALA A 77 -15.54 -1.82 -8.25
C ALA A 77 -15.58 -0.64 -9.22
N GLU A 78 -16.38 0.38 -8.91
CA GLU A 78 -16.45 1.61 -9.74
C GLU A 78 -15.15 2.43 -9.66
N LEU A 79 -14.66 2.66 -8.44
CA LEU A 79 -13.39 3.36 -8.21
C LEU A 79 -12.23 2.66 -8.90
N LEU A 80 -12.13 1.36 -8.71
CA LEU A 80 -11.03 0.57 -9.27
C LEU A 80 -11.12 0.41 -10.79
N THR A 81 -12.30 0.59 -11.36
CA THR A 81 -12.44 0.63 -12.82
C THR A 81 -11.95 1.99 -13.37
N MET A 82 -12.18 3.07 -12.62
CA MET A 82 -11.72 4.41 -13.01
C MET A 82 -10.23 4.59 -12.73
N LEU A 83 -9.79 4.22 -11.52
CA LEU A 83 -8.39 4.34 -11.12
C LEU A 83 -7.62 3.12 -11.60
N GLN A 84 -6.87 3.28 -12.70
CA GLN A 84 -6.02 2.21 -13.22
C GLN A 84 -4.70 2.81 -13.72
N HIS A 85 -3.58 2.26 -13.24
CA HIS A 85 -2.24 2.83 -13.46
C HIS A 85 -1.22 1.78 -13.09
N GLN A 86 -0.01 1.89 -13.63
CA GLN A 86 1.02 0.86 -13.42
C GLN A 86 1.35 0.50 -11.96
N HIS A 87 1.15 1.45 -11.04
CA HIS A 87 1.43 1.23 -9.62
C HIS A 87 0.21 1.41 -8.76
N ILE A 88 -0.95 1.07 -9.31
CA ILE A 88 -2.21 0.86 -8.57
C ILE A 88 -2.66 -0.58 -8.84
N VAL A 89 -3.09 -1.28 -7.78
CA VAL A 89 -3.64 -2.64 -7.87
C VAL A 89 -4.55 -2.80 -9.10
N ARG A 90 -4.30 -3.84 -9.90
CA ARG A 90 -5.04 -4.05 -11.14
C ARG A 90 -6.33 -4.80 -10.85
N PHE A 91 -7.44 -4.22 -11.32
CA PHE A 91 -8.80 -4.75 -11.15
C PHE A 91 -9.24 -5.26 -12.50
N PHE A 92 -9.74 -6.49 -12.55
CA PHE A 92 -10.17 -7.11 -13.81
C PHE A 92 -11.69 -7.09 -14.02
N GLY A 93 -12.44 -7.01 -12.93
CA GLY A 93 -13.90 -6.93 -12.99
C GLY A 93 -14.60 -7.64 -11.85
N VAL A 94 -15.91 -7.76 -11.96
CA VAL A 94 -16.76 -8.37 -10.95
C VAL A 94 -17.44 -9.59 -11.55
N CYS A 95 -17.94 -10.46 -10.67
CA CYS A 95 -18.84 -11.53 -11.08
C CYS A 95 -20.15 -11.43 -10.31
N THR A 96 -21.19 -10.95 -10.98
CA THR A 96 -22.49 -10.68 -10.37
C THR A 96 -23.50 -11.81 -10.61
N GLU A 97 -23.21 -12.71 -11.55
CA GLU A 97 -24.12 -13.84 -11.84
C GLU A 97 -24.03 -14.88 -10.71
N GLY A 98 -25.13 -15.04 -9.98
CA GLY A 98 -25.15 -15.87 -8.79
C GLY A 98 -24.41 -15.25 -7.62
N ARG A 99 -24.41 -15.97 -6.50
CA ARG A 99 -23.79 -15.53 -5.25
C ARG A 99 -22.73 -16.52 -4.77
N PRO A 100 -21.76 -16.06 -3.96
CA PRO A 100 -21.59 -14.67 -3.51
C PRO A 100 -21.03 -13.82 -4.65
N LEU A 101 -21.18 -12.50 -4.53
CA LEU A 101 -20.60 -11.59 -5.50
C LEU A 101 -19.08 -11.66 -5.37
N LEU A 102 -18.38 -11.67 -6.50
CA LEU A 102 -16.92 -11.76 -6.53
C LEU A 102 -16.31 -10.53 -7.21
N MET A 103 -15.22 -10.03 -6.64
CA MET A 103 -14.35 -9.06 -7.28
C MET A 103 -13.04 -9.75 -7.68
N VAL A 104 -12.56 -9.51 -8.91
CA VAL A 104 -11.38 -10.19 -9.42
C VAL A 104 -10.21 -9.22 -9.65
N PHE A 105 -9.07 -9.57 -9.07
CA PHE A 105 -7.86 -8.76 -9.06
C PHE A 105 -6.66 -9.49 -9.60
N GLU A 106 -5.67 -8.73 -10.03
CA GLU A 106 -4.34 -9.27 -10.33
C GLU A 106 -3.74 -9.76 -9.03
N TYR A 107 -3.19 -10.98 -9.07
CA TYR A 107 -2.55 -11.60 -7.92
C TYR A 107 -1.10 -11.17 -7.85
N MET A 108 -0.67 -10.75 -6.66
CA MET A 108 0.66 -10.23 -6.44
C MET A 108 1.38 -11.22 -5.52
N ARG A 109 2.34 -11.97 -6.06
CA ARG A 109 2.82 -13.19 -5.40
C ARG A 109 3.59 -13.02 -4.10
N HIS A 110 4.13 -11.83 -3.85
CA HIS A 110 4.87 -11.56 -2.60
C HIS A 110 4.03 -10.99 -1.48
N GLY A 111 2.73 -10.81 -1.72
CA GLY A 111 1.82 -10.32 -0.69
C GLY A 111 2.01 -8.85 -0.44
N ASP A 112 1.74 -8.41 0.79
CA ASP A 112 1.79 -6.98 1.09
C ASP A 112 3.25 -6.53 1.34
N LEU A 113 3.54 -5.28 0.98
CA LEU A 113 4.89 -4.73 1.08
C LEU A 113 5.45 -4.75 2.51
N ASN A 114 4.59 -4.63 3.51
CA ASN A 114 5.06 -4.73 4.89
C ASN A 114 5.65 -6.10 5.21
N ARG A 115 4.94 -7.16 4.83
CA ARG A 115 5.41 -8.55 5.01
C ARG A 115 6.72 -8.75 4.27
N PHE A 116 6.76 -8.30 3.03
CA PHE A 116 7.93 -8.42 2.17
C PHE A 116 9.14 -7.74 2.77
N LEU A 117 8.96 -6.49 3.24
CA LEU A 117 10.05 -5.73 3.88
C LEU A 117 10.61 -6.43 5.11
N ARG A 118 9.71 -6.98 5.91
CA ARG A 118 10.10 -7.66 7.15
C ARG A 118 10.82 -8.97 6.87
N SER A 119 10.38 -9.67 5.82
CA SER A 119 10.99 -10.93 5.39
C SER A 119 12.32 -10.78 4.62
N HIS A 120 12.74 -9.54 4.36
CA HIS A 120 14.07 -9.22 3.84
C HIS A 120 14.64 -8.07 4.62
N GLY A 121 14.55 -8.19 5.95
CA GLY A 121 15.07 -7.19 6.88
C GLY A 121 16.55 -7.36 7.12
N PRO A 122 17.09 -6.64 8.13
CA PRO A 122 18.43 -6.98 8.61
C PRO A 122 18.37 -8.31 9.36
N ASP A 123 19.54 -8.86 9.68
CA ASP A 123 19.69 -10.26 10.15
C ASP A 123 19.04 -11.33 9.23
N ALA A 124 18.96 -11.03 7.92
CA ALA A 124 18.43 -11.97 6.93
C ALA A 124 19.63 -12.55 6.17
N LYS A 125 19.75 -13.87 6.18
CA LYS A 125 20.91 -14.57 5.60
C LYS A 125 20.66 -14.87 4.11
N LEU A 126 21.47 -15.78 3.53
CA LEU A 126 21.24 -16.30 2.18
C LEU A 126 19.91 -17.08 1.98
N LEU A 127 19.25 -17.46 3.08
CA LEU A 127 17.98 -18.22 3.03
C LEU A 127 16.85 -17.46 2.30
N ALA A 128 16.71 -16.17 2.61
CA ALA A 128 15.80 -15.30 1.86
C ALA A 128 16.36 -15.04 0.46
N GLY A 129 15.47 -14.75 -0.49
CA GLY A 129 15.88 -14.38 -1.85
C GLY A 129 15.39 -15.31 -2.93
N GLY A 130 16.06 -15.26 -4.08
CA GLY A 130 15.68 -16.05 -5.26
C GLY A 130 14.70 -15.35 -6.18
N GLU A 131 14.52 -15.91 -7.38
CA GLU A 131 13.69 -15.37 -8.48
C GLU A 131 13.84 -13.87 -8.76
N ASP A 132 13.32 -13.04 -7.86
CA ASP A 132 13.27 -11.60 -8.07
C ASP A 132 13.86 -10.72 -6.96
N VAL A 133 14.44 -11.33 -5.93
CA VAL A 133 15.13 -10.58 -4.87
C VAL A 133 16.39 -11.30 -4.41
N ALA A 134 17.43 -10.51 -4.12
CA ALA A 134 18.73 -11.03 -3.72
C ALA A 134 18.71 -11.59 -2.31
N PRO A 135 19.80 -12.27 -1.89
CA PRO A 135 19.83 -12.82 -0.55
C PRO A 135 19.90 -11.76 0.54
N GLY A 136 19.11 -11.93 1.59
CA GLY A 136 19.22 -11.08 2.77
C GLY A 136 18.71 -9.65 2.61
N PRO A 137 19.24 -8.71 3.42
CA PRO A 137 18.65 -7.37 3.47
C PRO A 137 18.63 -6.67 2.13
N LEU A 138 17.47 -6.10 1.77
CA LEU A 138 17.37 -5.28 0.58
C LEU A 138 18.39 -4.16 0.62
N GLY A 139 19.13 -4.03 -0.47
CA GLY A 139 20.05 -2.93 -0.65
C GLY A 139 19.37 -1.62 -0.94
N LEU A 140 20.19 -0.57 -0.99
CA LEU A 140 19.75 0.81 -1.19
C LEU A 140 18.99 1.02 -2.50
N GLY A 141 19.50 0.40 -3.57
CA GLY A 141 18.85 0.45 -4.87
C GLY A 141 17.48 -0.19 -4.88
N GLN A 142 17.34 -1.33 -4.21
CA GLN A 142 16.05 -2.03 -4.13
C GLN A 142 15.04 -1.21 -3.33
N LEU A 143 15.50 -0.62 -2.22
CA LEU A 143 14.63 0.18 -1.35
C LEU A 143 14.17 1.44 -2.04
N LEU A 144 15.10 2.17 -2.64
CA LEU A 144 14.76 3.33 -3.49
C LEU A 144 13.82 2.97 -4.66
N ALA A 145 13.97 1.77 -5.21
CA ALA A 145 13.08 1.25 -6.25
C ALA A 145 11.67 1.08 -5.70
N VAL A 146 11.56 0.41 -4.55
CA VAL A 146 10.26 0.25 -3.87
C VAL A 146 9.58 1.61 -3.63
N ALA A 147 10.32 2.54 -3.03
CA ALA A 147 9.81 3.85 -2.67
C ALA A 147 9.38 4.67 -3.88
N SER A 148 10.15 4.56 -4.97
CA SER A 148 9.84 5.28 -6.20
C SER A 148 8.52 4.82 -6.83
N GLN A 149 8.27 3.51 -6.77
CA GLN A 149 7.04 2.96 -7.35
C GLN A 149 5.80 3.43 -6.61
N VAL A 150 5.82 3.33 -5.29
CA VAL A 150 4.74 3.84 -4.43
C VAL A 150 4.51 5.33 -4.71
N ALA A 151 5.59 6.12 -4.71
CA ALA A 151 5.51 7.56 -5.02
C ALA A 151 4.83 7.80 -6.37
N ALA A 152 5.21 7.02 -7.39
CA ALA A 152 4.57 7.10 -8.71
C ALA A 152 3.08 6.87 -8.65
N GLY A 153 2.66 5.86 -7.88
CA GLY A 153 1.24 5.59 -7.67
C GLY A 153 0.52 6.74 -6.99
N MET A 154 1.20 7.41 -6.05
CA MET A 154 0.61 8.57 -5.35
C MET A 154 0.57 9.81 -6.23
N VAL A 155 1.55 9.98 -7.13
CA VAL A 155 1.48 11.03 -8.16
C VAL A 155 0.17 10.90 -8.96
N TYR A 156 -0.13 9.69 -9.42
CA TYR A 156 -1.35 9.42 -10.19
C TYR A 156 -2.62 9.77 -9.43
N LEU A 157 -2.71 9.34 -8.18
CA LEU A 157 -3.88 9.66 -7.34
C LEU A 157 -3.97 11.16 -7.05
N ALA A 158 -2.83 11.77 -6.75
CA ALA A 158 -2.72 13.24 -6.62
C ALA A 158 -3.21 13.97 -7.87
N GLY A 159 -2.82 13.45 -9.04
CA GLY A 159 -3.26 13.97 -10.35
C GLY A 159 -4.77 14.02 -10.52
N LEU A 160 -5.44 12.94 -10.09
CA LEU A 160 -6.91 12.84 -10.12
C LEU A 160 -7.59 13.38 -8.85
N HIS A 161 -6.83 14.04 -7.99
CA HIS A 161 -7.35 14.61 -6.74
C HIS A 161 -8.08 13.64 -5.85
N PHE A 162 -7.56 12.41 -5.81
CA PHE A 162 -8.01 11.38 -4.89
C PHE A 162 -7.14 11.46 -3.63
N VAL A 163 -7.77 11.35 -2.46
CA VAL A 163 -7.07 11.30 -1.20
C VAL A 163 -7.24 9.90 -0.62
N HIS A 164 -6.11 9.20 -0.45
CA HIS A 164 -6.09 7.80 -0.02
C HIS A 164 -6.59 7.61 1.39
N ARG A 165 -5.98 8.32 2.34
CA ARG A 165 -6.33 8.30 3.78
C ARG A 165 -5.75 7.16 4.62
N ASP A 166 -5.38 6.03 4.00
CA ASP A 166 -4.73 4.91 4.72
C ASP A 166 -3.47 4.42 4.00
N LEU A 167 -2.62 5.34 3.56
CA LEU A 167 -1.35 4.97 2.91
C LEU A 167 -0.38 4.38 3.93
N ALA A 168 0.12 3.19 3.61
CA ALA A 168 1.04 2.45 4.45
C ALA A 168 1.49 1.21 3.66
N THR A 169 2.58 0.59 4.08
CA THR A 169 3.15 -0.55 3.35
C THR A 169 2.22 -1.78 3.36
N ARG A 170 1.49 -1.97 4.45
CA ARG A 170 0.48 -3.02 4.55
C ARG A 170 -0.63 -2.91 3.50
N ASN A 171 -0.83 -1.70 2.98
CA ASN A 171 -1.75 -1.44 1.87
C ASN A 171 -1.09 -1.37 0.48
N CYS A 172 0.17 -1.80 0.39
CA CYS A 172 0.86 -1.91 -0.89
C CYS A 172 1.14 -3.37 -1.16
N LEU A 173 0.87 -3.83 -2.38
CA LEU A 173 1.22 -5.20 -2.78
C LEU A 173 2.50 -5.21 -3.57
N VAL A 174 3.20 -6.35 -3.52
CA VAL A 174 4.40 -6.58 -4.32
C VAL A 174 4.21 -7.84 -5.17
N GLY A 175 4.66 -7.78 -6.42
CA GLY A 175 4.47 -8.87 -7.37
C GLY A 175 5.77 -9.30 -8.04
N GLN A 176 5.63 -10.12 -9.09
CA GLN A 176 6.78 -10.67 -9.80
C GLN A 176 7.71 -9.55 -10.25
N GLY A 177 9.02 -9.74 -10.05
CA GLY A 177 10.01 -8.72 -10.36
C GLY A 177 9.95 -7.46 -9.49
N LEU A 178 9.46 -7.61 -8.26
CA LEU A 178 9.23 -6.49 -7.33
C LEU A 178 8.50 -5.28 -7.94
N VAL A 179 7.45 -5.55 -8.70
CA VAL A 179 6.53 -4.49 -9.11
C VAL A 179 5.64 -4.25 -7.91
N VAL A 180 5.59 -2.98 -7.47
CA VAL A 180 4.83 -2.56 -6.31
C VAL A 180 3.64 -1.73 -6.74
N LYS A 181 2.47 -2.03 -6.17
CA LYS A 181 1.23 -1.33 -6.49
C LYS A 181 0.46 -0.97 -5.22
N ILE A 182 -0.08 0.26 -5.20
CA ILE A 182 -0.89 0.74 -4.07
C ILE A 182 -2.29 0.15 -4.13
N GLY A 183 -2.78 -0.31 -2.99
CA GLY A 183 -4.17 -0.71 -2.82
C GLY A 183 -4.73 -0.12 -1.54
N ASP A 184 -5.84 -0.69 -1.09
CA ASP A 184 -6.44 -0.36 0.21
C ASP A 184 -7.27 -1.58 0.57
N PHE A 185 -6.89 -2.29 1.64
CA PHE A 185 -7.54 -3.58 2.00
C PHE A 185 -8.45 -3.45 3.22
N GLY A 186 -9.26 -2.38 3.23
CA GLY A 186 -10.04 -1.98 4.39
C GLY A 186 -9.15 -1.59 5.55
N MET A 187 -9.72 -1.66 6.75
CA MET A 187 -8.96 -1.61 8.00
C MET A 187 -9.38 -2.85 8.76
N SER A 188 -9.49 -3.95 8.01
CA SER A 188 -10.31 -5.12 8.39
C SER A 188 -9.50 -6.33 8.85
N ARG A 189 -8.33 -6.53 8.28
CA ARG A 189 -7.46 -7.67 8.62
C ARG A 189 -6.90 -7.47 10.03
N ASP A 190 -7.08 -8.47 10.89
CA ASP A 190 -6.63 -8.40 12.29
C ASP A 190 -5.11 -8.49 12.46
N ILE A 191 -4.39 -8.93 11.42
CA ILE A 191 -2.93 -8.95 11.44
C ILE A 191 -2.33 -7.54 11.61
N TYR A 192 -3.05 -6.52 11.15
CA TYR A 192 -2.61 -5.12 11.31
C TYR A 192 -3.58 -4.28 12.16
N SEP A 193 -4.25 -4.89 13.14
CA SEP A 193 -5.17 -4.14 14.02
CB SEP A 193 -6.07 -5.07 14.82
OG SEP A 193 -5.30 -5.94 15.65
C SEP A 193 -4.47 -3.16 14.93
O SEP A 193 -5.02 -2.11 15.25
P SEP A 193 -5.58 -6.14 17.23
O1P SEP A 193 -5.01 -7.51 17.51
O2P SEP A 193 -7.09 -6.03 17.35
O3P SEP A 193 -4.81 -5.02 17.89
N THR A 194 -3.23 -3.48 15.34
CA THR A 194 -2.43 -2.57 16.19
C THR A 194 -1.93 -1.33 15.45
N ASP A 195 -1.90 -1.39 14.12
CA ASP A 195 -1.64 -0.21 13.30
C ASP A 195 -2.82 0.79 13.29
N TYR A 196 -3.94 0.48 13.93
CA TYR A 196 -5.04 1.42 14.08
C TYR A 196 -5.38 1.67 15.54
N TYR A 197 -5.88 2.87 15.80
CA TYR A 197 -6.43 3.27 17.08
C TYR A 197 -7.96 3.23 16.93
N ARG A 198 -8.62 2.33 17.68
CA ARG A 198 -10.08 2.23 17.69
C ARG A 198 -10.66 3.35 18.55
N VAL A 199 -11.45 4.22 17.91
CA VAL A 199 -12.19 5.28 18.64
C VAL A 199 -13.61 4.81 18.93
N GLY A 200 -13.90 4.58 20.21
CA GLY A 200 -15.22 4.13 20.67
C GLY A 200 -15.57 2.76 20.13
N GLY A 201 -16.53 2.74 19.19
CA GLY A 201 -16.98 1.50 18.58
C GLY A 201 -16.13 1.09 17.39
N ARG A 202 -16.61 1.43 16.19
CA ARG A 202 -16.12 0.84 14.93
C ARG A 202 -15.09 1.64 14.14
N THR A 203 -14.98 2.95 14.35
CA THR A 203 -14.02 3.78 13.60
C THR A 203 -12.55 3.53 14.05
N MET A 204 -11.70 3.25 13.06
CA MET A 204 -10.30 2.95 13.26
C MET A 204 -9.47 4.02 12.54
N LEU A 205 -8.47 4.56 13.23
CA LEU A 205 -7.63 5.61 12.67
C LEU A 205 -6.17 5.19 12.61
N PRO A 206 -5.53 5.27 11.43
CA PRO A 206 -4.12 4.90 11.34
C PRO A 206 -3.27 6.06 11.86
N ILE A 207 -3.34 6.30 13.17
CA ILE A 207 -2.78 7.50 13.80
C ILE A 207 -1.27 7.67 13.55
N ARG A 208 -0.51 6.57 13.59
CA ARG A 208 0.94 6.62 13.46
C ARG A 208 1.40 7.07 12.08
N TRP A 209 0.50 7.01 11.09
CA TRP A 209 0.75 7.48 9.73
C TRP A 209 0.19 8.87 9.45
N MET A 210 -0.49 9.48 10.43
CA MET A 210 -1.33 10.68 10.19
C MET A 210 -0.62 11.99 10.58
N PRO A 211 -0.76 13.05 9.75
CA PRO A 211 -0.19 14.35 10.12
C PRO A 211 -0.97 15.03 11.24
N PRO A 212 -0.40 16.08 11.86
CA PRO A 212 -1.05 16.72 13.01
C PRO A 212 -2.42 17.35 12.72
N GLU A 213 -2.61 17.90 11.52
CA GLU A 213 -3.91 18.48 11.13
C GLU A 213 -5.01 17.44 10.99
N SER A 214 -4.64 16.21 10.64
CA SER A 214 -5.60 15.09 10.55
C SER A 214 -5.98 14.57 11.93
N ILE A 215 -5.04 14.55 12.86
CA ILE A 215 -5.31 14.06 14.22
C ILE A 215 -6.12 15.09 15.01
N LEU A 216 -5.69 16.35 14.95
CA LEU A 216 -6.33 17.43 15.69
C LEU A 216 -7.66 17.87 15.06
N TYR A 217 -7.61 18.24 13.78
CA TYR A 217 -8.75 18.87 13.06
C TYR A 217 -9.52 17.91 12.14
N ARG A 218 -9.01 16.68 11.97
CA ARG A 218 -9.72 15.62 11.22
C ARG A 218 -9.89 15.95 9.74
N LYS A 219 -8.88 16.63 9.18
CA LYS A 219 -8.85 17.02 7.78
C LYS A 219 -7.89 16.08 7.04
N PHE A 220 -8.38 15.47 5.97
CA PHE A 220 -7.58 14.61 5.11
C PHE A 220 -7.57 15.22 3.71
N THR A 221 -6.37 15.50 3.22
CA THR A 221 -6.15 16.15 1.93
C THR A 221 -4.98 15.46 1.20
N THR A 222 -4.65 15.94 0.02
CA THR A 222 -3.47 15.50 -0.72
C THR A 222 -2.18 15.72 0.10
N GLU A 223 -2.17 16.75 0.94
CA GLU A 223 -1.01 17.06 1.78
C GLU A 223 -0.87 16.08 2.95
N SER A 224 -1.99 15.59 3.48
CA SER A 224 -1.95 14.52 4.50
C SER A 224 -1.51 13.17 3.94
N ASP A 225 -1.70 12.95 2.63
CA ASP A 225 -1.18 11.75 1.97
C ASP A 225 0.34 11.81 1.82
N VAL A 226 0.85 12.99 1.47
CA VAL A 226 2.29 13.17 1.29
C VAL A 226 2.98 12.91 2.63
N TRP A 227 2.39 13.40 3.71
CA TRP A 227 2.92 13.12 5.04
C TRP A 227 3.03 11.63 5.21
N SER A 228 1.92 10.94 4.94
CA SER A 228 1.85 9.49 5.05
C SER A 228 2.84 8.77 4.12
N PHE A 229 3.07 9.30 2.92
CA PHE A 229 4.12 8.75 2.06
C PHE A 229 5.48 8.86 2.75
N GLY A 230 5.73 10.01 3.38
CA GLY A 230 6.91 10.22 4.20
C GLY A 230 7.11 9.09 5.20
N VAL A 231 6.01 8.70 5.85
CA VAL A 231 6.01 7.61 6.83
C VAL A 231 6.23 6.26 6.13
N VAL A 232 5.65 6.08 4.94
CA VAL A 232 5.91 4.88 4.15
C VAL A 232 7.40 4.78 3.80
N LEU A 233 8.02 5.91 3.45
CA LEU A 233 9.45 5.95 3.14
C LEU A 233 10.31 5.52 4.35
N TRP A 234 9.89 5.89 5.55
CA TRP A 234 10.48 5.43 6.80
C TRP A 234 10.22 3.96 7.10
N GLU A 235 9.01 3.48 6.86
CA GLU A 235 8.74 2.04 6.97
C GLU A 235 9.70 1.24 6.08
N ILE A 236 9.82 1.68 4.82
CA ILE A 236 10.66 1.01 3.82
C ILE A 236 12.09 0.90 4.34
N PHE A 237 12.63 2.02 4.79
CA PHE A 237 14.02 2.07 5.22
C PHE A 237 14.29 1.52 6.63
N THR A 238 13.23 1.19 7.36
CA THR A 238 13.34 0.44 8.61
C THR A 238 12.91 -1.02 8.39
N TYR A 239 12.80 -1.44 7.13
CA TYR A 239 12.38 -2.81 6.76
C TYR A 239 11.06 -3.25 7.45
N GLY A 240 10.07 -2.35 7.43
CA GLY A 240 8.72 -2.65 7.86
C GLY A 240 8.43 -2.43 9.33
N LYS A 241 9.32 -1.74 10.02
CA LYS A 241 9.12 -1.40 11.43
C LYS A 241 7.88 -0.50 11.56
N GLN A 242 7.08 -0.69 12.62
CA GLN A 242 5.96 0.20 12.90
C GLN A 242 6.50 1.58 13.28
N PRO A 243 5.93 2.66 12.68
CA PRO A 243 6.28 4.02 13.15
C PRO A 243 5.89 4.20 14.60
N TRP A 244 6.78 4.78 15.39
CA TRP A 244 6.58 4.98 16.82
C TRP A 244 6.26 3.71 17.57
N TYR A 245 6.87 2.59 17.17
CA TYR A 245 6.66 1.27 17.82
C TYR A 245 6.88 1.31 19.34
N GLN A 246 7.83 2.14 19.78
CA GLN A 246 8.05 2.36 21.22
C GLN A 246 6.86 3.00 21.98
N LEU A 247 5.96 3.66 21.25
CA LEU A 247 4.82 4.39 21.86
C LEU A 247 3.51 3.64 21.75
N SER A 248 2.68 3.79 22.78
CA SER A 248 1.27 3.44 22.72
C SER A 248 0.57 4.42 21.78
N ASN A 249 -0.71 4.16 21.52
CA ASN A 249 -1.49 4.98 20.62
C ASN A 249 -1.58 6.44 21.05
N THR A 250 -1.91 6.64 22.32
CA THR A 250 -2.09 7.98 22.88
C THR A 250 -0.76 8.71 22.97
N GLU A 251 0.28 8.00 23.40
CA GLU A 251 1.65 8.52 23.37
C GLU A 251 2.06 8.94 21.95
N ALA A 252 1.65 8.16 20.95
CA ALA A 252 1.89 8.51 19.54
C ALA A 252 1.15 9.81 19.11
N ILE A 253 -0.14 9.89 19.44
CA ILE A 253 -0.94 11.10 19.20
C ILE A 253 -0.26 12.33 19.82
N ASP A 254 0.19 12.19 21.07
CA ASP A 254 0.90 13.27 21.75
C ASP A 254 2.17 13.64 20.99
N CYS A 255 2.98 12.65 20.62
CA CYS A 255 4.27 12.94 19.96
C CYS A 255 4.07 13.62 18.63
N ILE A 256 3.11 13.13 17.85
CA ILE A 256 2.84 13.68 16.52
C ILE A 256 2.24 15.08 16.62
N THR A 257 1.28 15.28 17.54
CA THR A 257 0.67 16.61 17.71
C THR A 257 1.62 17.66 18.29
N GLN A 258 2.53 17.24 19.17
CA GLN A 258 3.54 18.13 19.73
C GLN A 258 4.75 18.39 18.83
N GLY A 259 4.76 17.83 17.62
CA GLY A 259 5.76 18.15 16.59
C GLY A 259 7.01 17.29 16.58
N ARG A 260 6.93 16.09 17.17
CA ARG A 260 8.07 15.20 17.23
C ARG A 260 8.20 14.40 15.91
N GLU A 261 9.43 14.24 15.42
CA GLU A 261 9.72 13.55 14.14
C GLU A 261 10.44 12.23 14.37
N LEU A 262 10.08 11.22 13.57
CA LEU A 262 10.73 9.92 13.58
C LEU A 262 12.22 10.10 13.23
N GLU A 263 13.09 9.34 13.91
CA GLU A 263 14.54 9.46 13.73
C GLU A 263 14.98 8.84 12.40
N ARG A 264 16.13 9.28 11.89
CA ARG A 264 16.70 8.67 10.69
C ARG A 264 17.01 7.18 10.90
N PRO A 265 16.45 6.30 10.04
CA PRO A 265 16.81 4.87 10.17
C PRO A 265 18.27 4.60 9.83
N ARG A 266 18.82 3.54 10.41
CA ARG A 266 20.19 3.11 10.13
C ARG A 266 20.45 2.95 8.63
N ALA A 267 19.55 2.24 7.92
CA ALA A 267 19.71 1.95 6.48
C ALA A 267 19.46 3.14 5.54
N CYS A 268 18.99 4.25 6.10
CA CYS A 268 18.58 5.43 5.30
C CYS A 268 19.68 6.51 5.24
N PRO A 269 20.15 6.87 4.03
CA PRO A 269 21.16 7.91 3.92
C PRO A 269 20.55 9.32 4.06
N PRO A 270 21.38 10.34 4.36
CA PRO A 270 20.89 11.70 4.62
C PRO A 270 19.98 12.32 3.56
N GLU A 271 20.25 12.08 2.28
CA GLU A 271 19.44 12.67 1.20
C GLU A 271 18.01 12.12 1.21
N VAL A 272 17.85 10.84 1.53
CA VAL A 272 16.54 10.20 1.59
C VAL A 272 15.77 10.67 2.84
N TYR A 273 16.47 10.79 3.98
CA TYR A 273 15.89 11.43 5.16
C TYR A 273 15.46 12.87 4.89
N ALA A 274 16.22 13.58 4.05
CA ALA A 274 15.81 14.91 3.61
C ALA A 274 14.48 14.87 2.85
N ILE A 275 14.28 13.83 2.03
CA ILE A 275 13.01 13.66 1.32
C ILE A 275 11.87 13.42 2.31
N MET A 276 12.12 12.59 3.34
CA MET A 276 11.13 12.33 4.41
C MET A 276 10.75 13.63 5.12
N ARG A 277 11.75 14.37 5.56
CA ARG A 277 11.52 15.66 6.25
C ARG A 277 10.72 16.63 5.39
N GLY A 278 10.92 16.59 4.07
CA GLY A 278 10.10 17.32 3.12
C GLY A 278 8.60 17.02 3.22
N CYS A 279 8.28 15.74 3.41
CA CYS A 279 6.90 15.30 3.64
C CYS A 279 6.36 15.69 5.02
N TRP A 280 7.24 15.92 5.99
CA TRP A 280 6.85 16.13 7.40
C TRP A 280 6.83 17.56 7.89
N GLN A 281 6.80 18.53 6.97
CA GLN A 281 6.67 19.94 7.34
C GLN A 281 5.33 20.11 8.05
N ARG A 282 5.32 20.78 9.19
CA ARG A 282 4.09 20.87 10.00
C ARG A 282 2.94 21.60 9.28
N GLU A 283 3.23 22.72 8.61
CA GLU A 283 2.22 23.43 7.83
C GLU A 283 2.06 22.65 6.53
N PRO A 284 0.83 22.18 6.21
CA PRO A 284 0.59 21.45 4.97
C PRO A 284 1.11 22.11 3.68
N GLN A 285 0.96 23.43 3.58
CA GLN A 285 1.42 24.21 2.42
C GLN A 285 2.92 24.03 2.17
N GLN A 286 3.69 23.98 3.25
CA GLN A 286 5.15 23.88 3.17
C GLN A 286 5.70 22.52 2.70
N ARG A 287 4.86 21.48 2.66
CA ARG A 287 5.31 20.13 2.25
C ARG A 287 5.57 20.08 0.75
N HIS A 288 6.54 19.26 0.36
CA HIS A 288 6.88 19.09 -1.06
C HIS A 288 5.79 18.31 -1.73
N SER A 289 5.54 18.58 -3.00
CA SER A 289 4.52 17.85 -3.75
C SER A 289 5.00 16.44 -4.00
N ILE A 290 4.05 15.52 -4.11
CA ILE A 290 4.39 14.12 -4.37
C ILE A 290 5.11 13.94 -5.72
N LYS A 291 4.81 14.83 -6.67
CA LYS A 291 5.55 14.91 -7.94
C LYS A 291 7.05 15.17 -7.76
N ASP A 292 7.41 16.06 -6.84
CA ASP A 292 8.83 16.35 -6.53
C ASP A 292 9.52 15.19 -5.83
N VAL A 293 8.84 14.62 -4.84
CA VAL A 293 9.35 13.48 -4.08
C VAL A 293 9.64 12.30 -5.01
N HIS A 294 8.69 11.99 -5.89
CA HIS A 294 8.88 10.92 -6.87
C HIS A 294 10.10 11.17 -7.72
N ALA A 295 10.20 12.40 -8.24
CA ALA A 295 11.34 12.80 -9.09
C ALA A 295 12.67 12.56 -8.40
N ARG A 296 12.76 12.97 -7.14
CA ARG A 296 13.97 12.79 -6.35
C ARG A 296 14.28 11.31 -6.14
N LEU A 297 13.28 10.53 -5.77
CA LEU A 297 13.45 9.09 -5.51
C LEU A 297 13.82 8.31 -6.76
N GLN A 298 13.14 8.61 -7.87
CA GLN A 298 13.43 7.93 -9.15
C GLN A 298 14.81 8.30 -9.69
N ALA A 299 15.24 9.55 -9.48
CA ALA A 299 16.61 9.96 -9.80
C ALA A 299 17.60 9.11 -9.02
N LEU A 300 17.32 8.94 -7.73
CA LEU A 300 18.12 8.11 -6.85
C LEU A 300 18.03 6.62 -7.19
N ALA A 301 16.81 6.13 -7.46
CA ALA A 301 16.60 4.72 -7.78
C ALA A 301 17.36 4.30 -9.04
N GLN A 302 17.33 5.16 -10.06
CA GLN A 302 17.94 4.84 -11.36
C GLN A 302 19.42 5.27 -11.49
N ALA A 303 19.96 5.95 -10.48
CA ALA A 303 21.32 6.50 -10.56
C ALA A 303 22.36 5.37 -10.58
N PRO A 304 23.54 5.63 -11.19
CA PRO A 304 24.53 4.56 -11.33
C PRO A 304 25.11 4.11 -9.99
N PRO A 305 25.61 2.86 -9.91
CA PRO A 305 26.27 2.35 -8.69
C PRO A 305 27.28 3.32 -8.06
N VAL A 306 28.12 3.95 -8.89
CA VAL A 306 29.16 4.89 -8.40
C VAL A 306 28.60 6.04 -7.56
N TYR A 307 27.50 6.61 -8.02
CA TYR A 307 26.82 7.68 -7.30
C TYR A 307 26.20 7.17 -6.00
N LEU A 308 25.45 6.05 -6.10
CA LEU A 308 24.71 5.52 -4.95
C LEU A 308 25.62 5.03 -3.83
N ASP A 309 26.79 4.50 -4.20
CA ASP A 309 27.77 4.02 -3.20
C ASP A 309 28.34 5.11 -2.31
N VAL A 310 28.17 6.37 -2.71
CA VAL A 310 28.74 7.54 -2.03
C VAL A 310 27.76 8.28 -1.09
N LEU A 311 26.45 8.01 -1.22
CA LEU A 311 25.42 8.57 -0.30
C LEU A 311 25.72 8.38 1.20
C1 OOM B . -6.55 2.39 -5.72
C2 OOM B . -7.10 2.73 -4.34
C3 OOM B . -5.93 2.97 -3.39
C4 OOM B . -7.93 4.00 -4.42
C5 OOM B . -7.96 1.60 -3.82
C6 OOM B . -7.75 0.22 -3.89
C7 OOM B . -8.80 -0.42 -3.27
C11 OOM B . -8.56 -4.20 -2.83
C18 OOM B . -6.25 -8.73 -3.09
C19 OOM B . -5.69 -8.37 -4.32
C21 OOM B . -3.80 -9.81 -3.91
C23 OOM B . -4.35 -10.16 -2.68
C24 OOM B . -5.56 -9.63 -2.29
C27 OOM B . -10.89 0.46 -2.18
C30 OOM B . -13.38 0.31 -0.92
C31 OOM B . -13.18 1.21 -1.95
C32 OOM B . -11.94 1.30 -2.58
N8 OOM B . -9.02 -1.81 -3.13
C9 OOM B . -8.07 -2.78 -2.98
O10 OOM B . -6.87 -2.53 -2.90
S12 OOM B . -7.32 -5.44 -3.30
C13 OOM B . -8.02 -6.95 -2.70
N14 OOM B . -9.21 -7.04 -2.17
N15 OOM B . -9.48 -8.22 -1.81
N16 OOM B . -8.49 -8.98 -2.09
N17 OOM B . -7.49 -8.21 -2.67
C20 OOM B . -4.48 -8.93 -4.73
O22 OOM B . -2.61 -10.33 -4.32
N25 OOM B . -9.66 0.57 -2.84
N26 OOM B . -9.10 1.80 -3.20
C28 OOM B . -11.11 -0.45 -1.14
C29 OOM B . -12.35 -0.52 -0.52
#